data_4E67
#
_entry.id   4E67
#
_cell.length_a   35.492
_cell.length_b   50.906
_cell.length_c   57.910
_cell.angle_alpha   90.00
_cell.angle_beta   101.01
_cell.angle_gamma   90.00
#
_symmetry.space_group_name_H-M   'P 1 21 1'
#
loop_
_entity.id
_entity.type
_entity.pdbx_description
1 polymer 'Serine/threonine-protein kinase PLK1'
2 polymer 'hydrocinnamoyl-derivatized PLHSpTA peptide'
3 water water
#
loop_
_entity_poly.entity_id
_entity_poly.type
_entity_poly.pdbx_seq_one_letter_code
_entity_poly.pdbx_strand_id
1 'polypeptide(L)'
;GPLGSPEFDCHLSDMLQQLHSVNASKPSERGLVRQEEAEDPACIPIFWVSKWVDYSDKYGLGYQLCDNSVGVLFNDSTRL
ILYNDGDSLQYIERDGTESYLTVSSHPNSLMKKITLLKYFRNYMSEHLLKAGANITPREGDELARLPYLRTWFRTRSAII
LHLSNGSVQINFFQDHTKLILCPLMAAVTYIDEKRDFRTYRLSLLEEYGCCKELASRLRYARTMVDKLLSSR
;
A
2 'polypeptide(L)' (HCI)PLHS(TPO)A(NH2) B
#
# COMPACT_ATOMS: atom_id res chain seq x y z
N LEU A 12 4.48 -3.72 12.46
CA LEU A 12 4.72 -2.26 12.42
C LEU A 12 5.94 -1.87 13.25
N SER A 13 6.08 -2.51 14.41
CA SER A 13 7.23 -2.27 15.30
C SER A 13 8.51 -2.82 14.68
N ASP A 14 8.40 -4.01 14.10
CA ASP A 14 9.53 -4.65 13.42
C ASP A 14 9.89 -3.92 12.13
N MET A 15 8.90 -3.33 11.47
CA MET A 15 9.17 -2.53 10.27
C MET A 15 9.99 -1.29 10.62
N LEU A 16 9.61 -0.64 11.72
CA LEU A 16 10.32 0.53 12.23
C LEU A 16 11.78 0.18 12.56
N GLN A 17 11.98 -0.99 13.16
CA GLN A 17 13.31 -1.47 13.54
C GLN A 17 14.16 -1.82 12.31
N GLN A 18 13.54 -2.46 11.32
CA GLN A 18 14.20 -2.80 10.06
C GLN A 18 14.71 -1.54 9.36
N LEU A 19 13.87 -0.50 9.36
CA LEU A 19 14.19 0.77 8.72
C LEU A 19 15.29 1.55 9.46
N HIS A 20 15.21 1.57 10.79
CA HIS A 20 16.26 2.18 11.60
C HIS A 20 17.62 1.55 11.31
N SER A 21 17.64 0.22 11.25
CA SER A 21 18.85 -0.54 10.96
C SER A 21 19.47 -0.16 9.60
N VAL A 22 18.65 -0.10 8.54
CA VAL A 22 19.15 0.27 7.21
CA VAL A 22 19.18 0.26 7.22
C VAL A 22 19.56 1.73 7.13
N ASN A 23 18.74 2.61 7.70
CA ASN A 23 19.04 4.04 7.68
C ASN A 23 20.32 4.39 8.46
N ALA A 24 20.53 3.73 9.60
CA ALA A 24 21.72 3.98 10.42
C ALA A 24 23.01 3.55 9.71
N SER A 25 22.91 2.62 8.76
CA SER A 25 24.07 2.16 7.99
C SER A 25 24.49 3.17 6.91
N LYS A 26 23.71 4.25 6.77
CA LYS A 26 23.99 5.30 5.78
C LYS A 26 24.33 4.67 4.42
N PRO A 27 23.35 4.01 3.78
CA PRO A 27 23.59 3.20 2.58
C PRO A 27 24.13 3.96 1.37
N SER A 28 23.80 5.24 1.25
CA SER A 28 24.20 6.03 0.08
C SER A 28 25.53 6.77 0.25
N GLU A 29 26.10 6.73 1.45
CA GLU A 29 27.27 7.57 1.75
C GLU A 29 28.41 6.84 2.46
N ARG A 30 28.68 5.60 2.07
CA ARG A 30 29.81 4.85 2.63
C ARG A 30 30.58 3.98 1.63
N GLY A 31 30.92 4.55 0.48
CA GLY A 31 31.74 3.84 -0.50
C GLY A 31 30.97 3.23 -1.66
N LEU A 32 31.55 2.19 -2.25
CA LEU A 32 30.99 1.55 -3.45
C LEU A 32 29.58 1.01 -3.22
N VAL A 33 28.61 1.62 -3.90
CA VAL A 33 27.22 1.19 -3.86
C VAL A 33 27.04 0.01 -4.80
N ARG A 34 26.57 -1.12 -4.26
CA ARG A 34 26.32 -2.32 -5.06
C ARG A 34 24.85 -2.72 -4.96
N GLN A 35 23.99 -1.80 -5.34
CA GLN A 35 22.54 -1.91 -5.15
C GLN A 35 21.93 -3.17 -5.79
N GLU A 36 22.38 -3.50 -6.99
CA GLU A 36 21.89 -4.68 -7.71
C GLU A 36 22.03 -5.97 -6.89
N GLU A 37 23.10 -6.05 -6.10
CA GLU A 37 23.38 -7.22 -5.28
C GLU A 37 22.45 -7.33 -4.06
N ALA A 38 21.71 -6.26 -3.79
CA ALA A 38 20.74 -6.24 -2.69
C ALA A 38 19.32 -6.64 -3.14
N GLU A 39 19.13 -6.73 -4.46
CA GLU A 39 17.85 -7.20 -5.02
C GLU A 39 17.55 -8.63 -4.58
N ASP A 40 16.33 -8.83 -4.07
CA ASP A 40 15.83 -10.16 -3.73
C ASP A 40 14.46 -10.37 -4.38
N PRO A 41 14.45 -10.91 -5.61
CA PRO A 41 13.22 -11.20 -6.38
C PRO A 41 12.30 -12.23 -5.74
N ALA A 42 12.80 -12.93 -4.73
CA ALA A 42 12.00 -13.89 -3.97
C ALA A 42 10.99 -13.17 -3.08
N CYS A 43 11.29 -11.91 -2.74
CA CYS A 43 10.52 -11.15 -1.77
C CYS A 43 9.50 -10.19 -2.41
N ILE A 44 9.29 -10.33 -3.71
CA ILE A 44 8.27 -9.57 -4.44
C ILE A 44 6.92 -9.73 -3.72
N PRO A 45 6.26 -8.61 -3.37
CA PRO A 45 5.01 -8.68 -2.62
C PRO A 45 3.91 -9.36 -3.42
N ILE A 46 3.01 -10.05 -2.72
CA ILE A 46 1.83 -10.61 -3.34
C ILE A 46 0.75 -9.52 -3.50
N PHE A 47 0.69 -8.61 -2.52
CA PHE A 47 -0.36 -7.57 -2.52
C PHE A 47 0.16 -6.14 -2.34
N TRP A 48 -0.29 -5.26 -3.24
CA TRP A 48 -0.08 -3.83 -3.09
C TRP A 48 -1.33 -3.06 -3.56
N VAL A 49 -1.38 -1.76 -3.30
CA VAL A 49 -2.48 -0.93 -3.78
C VAL A 49 -2.16 -0.39 -5.18
N SER A 50 -3.00 -0.74 -6.15
CA SER A 50 -2.78 -0.36 -7.54
CA SER A 50 -2.79 -0.36 -7.54
C SER A 50 -3.48 0.96 -7.90
N LYS A 51 -4.59 1.25 -7.22
CA LYS A 51 -5.39 2.46 -7.44
C LYS A 51 -6.08 2.89 -6.15
N TRP A 52 -6.40 4.18 -6.03
CA TRP A 52 -7.17 4.67 -4.88
C TRP A 52 -7.96 5.94 -5.21
N VAL A 53 -9.02 6.18 -4.43
CA VAL A 53 -9.83 7.40 -4.52
C VAL A 53 -10.12 7.94 -3.12
N ASP A 54 -9.67 9.16 -2.88
CA ASP A 54 -9.97 9.84 -1.63
C ASP A 54 -11.27 10.63 -1.78
N TYR A 55 -12.36 10.03 -1.32
CA TYR A 55 -13.66 10.68 -1.29
C TYR A 55 -14.13 10.75 0.17
N SER A 56 -13.18 10.92 1.08
CA SER A 56 -13.47 10.86 2.52
C SER A 56 -14.23 12.07 3.07
N ASP A 57 -14.24 13.18 2.32
CA ASP A 57 -15.07 14.33 2.68
C ASP A 57 -16.57 13.99 2.76
N LYS A 58 -16.99 12.92 2.07
CA LYS A 58 -18.39 12.45 2.12
C LYS A 58 -18.55 10.99 2.54
N TYR A 59 -17.76 10.11 1.94
CA TYR A 59 -18.01 8.66 2.04
C TYR A 59 -16.88 7.85 2.66
N GLY A 60 -15.66 8.05 2.16
CA GLY A 60 -14.49 7.31 2.63
C GLY A 60 -13.42 7.16 1.57
N LEU A 61 -12.56 6.16 1.74
CA LEU A 61 -11.48 5.93 0.80
C LEU A 61 -11.61 4.57 0.12
N GLY A 62 -11.68 4.60 -1.20
CA GLY A 62 -11.74 3.38 -2.00
C GLY A 62 -10.37 3.05 -2.57
N TYR A 63 -10.13 1.76 -2.79
CA TYR A 63 -8.86 1.29 -3.34
C TYR A 63 -9.03 0.00 -4.13
N GLN A 64 -8.12 -0.22 -5.07
CA GLN A 64 -8.05 -1.47 -5.77
C GLN A 64 -6.70 -2.11 -5.44
N LEU A 65 -6.73 -3.40 -5.09
CA LEU A 65 -5.48 -4.14 -4.91
C LEU A 65 -4.97 -4.65 -6.26
N CYS A 66 -3.72 -5.09 -6.31
CA CYS A 66 -3.09 -5.53 -7.55
C CYS A 66 -3.77 -6.71 -8.23
N ASP A 67 -4.59 -7.44 -7.48
CA ASP A 67 -5.31 -8.60 -8.02
C ASP A 67 -6.67 -8.20 -8.61
N ASN A 68 -6.92 -6.90 -8.65
CA ASN A 68 -8.18 -6.32 -9.15
C ASN A 68 -9.37 -6.41 -8.19
N SER A 69 -9.12 -6.94 -6.99
CA SER A 69 -10.09 -6.84 -5.90
C SER A 69 -10.19 -5.38 -5.49
N VAL A 70 -11.33 -5.00 -4.92
CA VAL A 70 -11.57 -3.61 -4.52
C VAL A 70 -11.95 -3.55 -3.05
N GLY A 71 -11.63 -2.43 -2.41
CA GLY A 71 -12.00 -2.20 -1.02
C GLY A 71 -12.42 -0.78 -0.77
N VAL A 72 -13.18 -0.58 0.30
CA VAL A 72 -13.54 0.77 0.76
C VAL A 72 -13.43 0.81 2.29
N LEU A 73 -12.71 1.81 2.80
CA LEU A 73 -12.77 2.14 4.21
C LEU A 73 -13.70 3.34 4.35
N PHE A 74 -14.91 3.08 4.83
CA PHE A 74 -15.92 4.12 5.01
C PHE A 74 -15.61 5.00 6.22
N ASN A 75 -16.20 6.19 6.24
CA ASN A 75 -16.03 7.16 7.32
C ASN A 75 -16.53 6.69 8.69
N ASP A 76 -17.37 5.67 8.72
CA ASP A 76 -17.88 5.13 9.98
C ASP A 76 -17.00 4.00 10.50
N SER A 77 -15.82 3.86 9.89
CA SER A 77 -14.81 2.87 10.25
C SER A 77 -15.22 1.43 9.91
N THR A 78 -16.18 1.28 9.00
CA THR A 78 -16.51 -0.03 8.45
C THR A 78 -15.77 -0.23 7.12
N ARG A 79 -15.62 -1.50 6.74
CA ARG A 79 -14.91 -1.86 5.51
C ARG A 79 -15.73 -2.82 4.66
N LEU A 80 -15.76 -2.55 3.37
CA LEU A 80 -16.37 -3.44 2.40
C LEU A 80 -15.28 -3.88 1.41
N ILE A 81 -15.17 -5.19 1.21
CA ILE A 81 -14.14 -5.76 0.34
C ILE A 81 -14.78 -6.65 -0.72
N LEU A 82 -14.62 -6.26 -1.98
CA LEU A 82 -15.12 -7.06 -3.10
C LEU A 82 -13.96 -7.81 -3.74
N TYR A 83 -14.03 -9.14 -3.69
CA TYR A 83 -13.03 -10.01 -4.31
C TYR A 83 -13.08 -9.88 -5.84
N ASN A 84 -12.00 -10.30 -6.50
CA ASN A 84 -11.87 -10.12 -7.96
C ASN A 84 -12.83 -10.92 -8.84
N ASP A 85 -13.60 -11.84 -8.25
CA ASP A 85 -14.64 -12.53 -9.01
C ASP A 85 -15.85 -11.63 -9.29
N GLY A 86 -15.93 -10.52 -8.57
CA GLY A 86 -16.93 -9.48 -8.82
C GLY A 86 -18.22 -9.62 -8.05
N ASP A 87 -18.30 -10.65 -7.20
CA ASP A 87 -19.52 -10.92 -6.44
C ASP A 87 -19.22 -11.23 -4.97
N SER A 88 -18.19 -12.03 -4.71
CA SER A 88 -17.82 -12.40 -3.34
C SER A 88 -17.45 -11.19 -2.49
N LEU A 89 -18.10 -11.07 -1.35
CA LEU A 89 -17.98 -9.91 -0.47
C LEU A 89 -17.52 -10.24 0.94
N GLN A 90 -16.68 -9.36 1.49
CA GLN A 90 -16.37 -9.36 2.91
C GLN A 90 -16.78 -8.01 3.50
N TYR A 91 -17.40 -8.05 4.67
CA TYR A 91 -17.76 -6.84 5.40
C TYR A 91 -17.19 -6.89 6.80
N ILE A 92 -16.57 -5.78 7.22
CA ILE A 92 -15.98 -5.68 8.54
C ILE A 92 -16.55 -4.47 9.28
N GLU A 93 -17.29 -4.76 10.35
CA GLU A 93 -17.90 -3.73 11.20
C GLU A 93 -16.85 -2.98 12.01
N ARG A 94 -17.30 -2.01 12.80
CA ARG A 94 -16.41 -1.21 13.63
C ARG A 94 -15.72 -2.07 14.71
N ASP A 95 -16.49 -2.96 15.34
CA ASP A 95 -15.97 -3.82 16.41
C ASP A 95 -15.07 -4.96 15.90
N GLY A 96 -14.85 -5.01 14.58
CA GLY A 96 -13.98 -6.00 13.97
C GLY A 96 -14.69 -7.26 13.50
N THR A 97 -16.00 -7.32 13.73
CA THR A 97 -16.83 -8.45 13.28
C THR A 97 -16.79 -8.57 11.76
N GLU A 98 -16.25 -9.70 11.28
CA GLU A 98 -16.11 -9.95 9.86
C GLU A 98 -17.25 -10.82 9.34
N SER A 99 -17.84 -10.41 8.22
CA SER A 99 -18.92 -11.15 7.57
C SER A 99 -18.57 -11.50 6.14
N TYR A 100 -18.80 -12.75 5.76
CA TYR A 100 -18.56 -13.22 4.40
C TYR A 100 -19.86 -13.49 3.68
N LEU A 101 -20.02 -12.89 2.50
CA LEU A 101 -21.24 -13.00 1.71
C LEU A 101 -20.97 -12.70 0.23
N THR A 102 -22.00 -12.35 -0.53
CA THR A 102 -21.84 -11.86 -1.89
C THR A 102 -22.67 -10.61 -2.08
N VAL A 103 -22.39 -9.87 -3.16
CA VAL A 103 -23.23 -8.73 -3.55
C VAL A 103 -24.63 -9.23 -3.87
N SER A 104 -24.72 -10.32 -4.63
CA SER A 104 -25.98 -10.91 -5.03
C SER A 104 -26.85 -11.40 -3.85
N SER A 105 -26.27 -11.46 -2.65
CA SER A 105 -26.98 -11.95 -1.47
C SER A 105 -26.94 -10.99 -0.27
N HIS A 106 -26.70 -9.70 -0.53
CA HIS A 106 -26.53 -8.73 0.55
C HIS A 106 -27.85 -8.42 1.25
N PRO A 107 -27.78 -8.16 2.58
CA PRO A 107 -28.98 -7.67 3.26
C PRO A 107 -29.26 -6.22 2.84
N ASN A 108 -30.54 -5.86 2.83
CA ASN A 108 -30.97 -4.50 2.45
C ASN A 108 -30.21 -3.37 3.13
N SER A 109 -29.72 -3.62 4.35
CA SER A 109 -29.00 -2.63 5.14
C SER A 109 -27.68 -2.16 4.50
N LEU A 110 -27.03 -3.05 3.77
CA LEU A 110 -25.75 -2.74 3.10
C LEU A 110 -25.93 -2.14 1.71
N MET A 111 -27.16 -1.77 1.36
CA MET A 111 -27.49 -1.29 0.01
C MET A 111 -26.66 -0.07 -0.41
N LYS A 112 -26.68 0.97 0.42
CA LYS A 112 -25.94 2.20 0.16
C LYS A 112 -24.46 1.93 -0.07
N LYS A 113 -23.87 1.15 0.84
CA LYS A 113 -22.43 0.87 0.82
C LYS A 113 -22.00 0.06 -0.40
N ILE A 114 -22.82 -0.92 -0.79
CA ILE A 114 -22.55 -1.69 -1.99
C ILE A 114 -22.60 -0.82 -3.24
N THR A 115 -23.61 0.05 -3.32
CA THR A 115 -23.73 1.02 -4.42
C THR A 115 -22.48 1.90 -4.52
N LEU A 116 -22.06 2.43 -3.37
CA LEU A 116 -20.86 3.27 -3.30
C LEU A 116 -19.61 2.53 -3.79
N LEU A 117 -19.44 1.29 -3.34
CA LEU A 117 -18.30 0.47 -3.75
C LEU A 117 -18.29 0.27 -5.27
N LYS A 118 -19.45 -0.08 -5.83
CA LYS A 118 -19.57 -0.33 -7.28
C LYS A 118 -19.26 0.92 -8.11
N TYR A 119 -19.72 2.07 -7.62
CA TYR A 119 -19.41 3.38 -8.19
C TYR A 119 -17.89 3.65 -8.17
N PHE A 120 -17.28 3.47 -7.00
CA PHE A 120 -15.83 3.65 -6.80
C PHE A 120 -15.05 2.66 -7.67
N ARG A 121 -15.56 1.44 -7.75
CA ARG A 121 -14.96 0.36 -8.54
C ARG A 121 -14.90 0.74 -10.01
N ASN A 122 -16.01 1.24 -10.55
CA ASN A 122 -16.13 1.68 -11.94
C ASN A 122 -15.18 2.82 -12.30
N TYR A 123 -15.16 3.86 -11.46
CA TYR A 123 -14.24 4.97 -11.70
C TYR A 123 -12.79 4.50 -11.75
N MET A 124 -12.38 3.71 -10.77
CA MET A 124 -10.99 3.25 -10.68
C MET A 124 -10.59 2.40 -11.88
N SER A 125 -11.44 1.45 -12.23
CA SER A 125 -11.19 0.54 -13.35
C SER A 125 -11.10 1.25 -14.69
N GLU A 126 -11.86 2.33 -14.84
CA GLU A 126 -12.02 2.97 -16.15
C GLU A 126 -11.12 4.20 -16.33
N HIS A 127 -10.81 4.90 -15.24
CA HIS A 127 -10.15 6.21 -15.33
C HIS A 127 -8.80 6.32 -14.61
N LEU A 128 -8.35 5.26 -13.95
CA LEU A 128 -7.10 5.30 -13.21
C LEU A 128 -6.10 4.24 -13.67
N LEU A 129 -4.81 4.57 -13.55
CA LEU A 129 -3.73 3.71 -13.99
C LEU A 129 -3.44 2.65 -12.92
N LYS A 130 -3.19 1.42 -13.35
CA LYS A 130 -2.83 0.36 -12.43
C LYS A 130 -1.34 0.45 -12.07
N ALA A 131 -1.07 0.72 -10.80
CA ALA A 131 0.31 0.71 -10.30
C ALA A 131 0.86 -0.72 -10.31
N GLY A 132 2.11 -0.85 -10.73
CA GLY A 132 2.77 -2.15 -10.84
C GLY A 132 2.11 -3.07 -11.84
N ALA A 133 1.65 -2.48 -12.95
CA ALA A 133 1.00 -3.22 -14.04
C ALA A 133 1.98 -4.15 -14.76
N ASN A 134 3.27 -3.85 -14.64
CA ASN A 134 4.32 -4.63 -15.28
C ASN A 134 4.90 -5.73 -14.40
N ILE A 135 4.51 -5.73 -13.12
CA ILE A 135 4.94 -6.77 -12.18
C ILE A 135 4.12 -8.04 -12.39
N THR A 136 4.82 -9.17 -12.46
CA THR A 136 4.19 -10.47 -12.67
C THR A 136 3.31 -10.86 -11.48
N PRO A 137 2.05 -11.23 -11.75
CA PRO A 137 1.16 -11.75 -10.71
C PRO A 137 1.48 -13.22 -10.41
N LEU A 146 -7.07 -12.43 1.87
CA LEU A 146 -7.02 -11.12 1.21
C LEU A 146 -6.90 -10.01 2.26
N PRO A 147 -5.84 -9.18 2.15
CA PRO A 147 -5.66 -8.09 3.10
C PRO A 147 -6.57 -6.90 2.80
N TYR A 148 -6.89 -6.14 3.85
CA TYR A 148 -7.67 -4.91 3.72
C TYR A 148 -6.88 -3.71 4.24
N LEU A 149 -7.41 -2.51 4.00
CA LEU A 149 -6.77 -1.28 4.47
C LEU A 149 -7.11 -1.01 5.93
N ARG A 150 -6.11 -1.16 6.79
CA ARG A 150 -6.27 -0.92 8.21
C ARG A 150 -6.42 0.57 8.48
N THR A 151 -5.52 1.37 7.92
CA THR A 151 -5.58 2.83 8.04
C THR A 151 -4.76 3.51 6.93
N TRP A 152 -5.01 4.81 6.77
CA TRP A 152 -4.30 5.60 5.77
C TRP A 152 -4.24 7.04 6.25
N PHE A 153 -3.23 7.77 5.79
CA PHE A 153 -3.21 9.21 5.90
C PHE A 153 -2.49 9.81 4.71
N ARG A 154 -2.60 11.12 4.58
CA ARG A 154 -2.07 11.85 3.45
C ARG A 154 -1.24 13.02 3.96
N THR A 155 -0.08 13.24 3.34
CA THR A 155 0.74 14.42 3.57
C THR A 155 0.75 15.24 2.29
N ARG A 156 1.45 16.36 2.28
CA ARG A 156 1.62 17.16 1.06
C ARG A 156 2.45 16.41 0.03
N SER A 157 3.31 15.50 0.50
CA SER A 157 4.23 14.74 -0.35
C SER A 157 3.69 13.39 -0.81
N ALA A 158 2.95 12.71 0.06
CA ALA A 158 2.62 11.30 -0.15
C ALA A 158 1.32 10.85 0.51
N ILE A 159 0.77 9.75 -0.02
CA ILE A 159 -0.27 9.00 0.66
C ILE A 159 0.36 7.74 1.27
N ILE A 160 -0.03 7.44 2.50
CA ILE A 160 0.53 6.33 3.26
C ILE A 160 -0.57 5.31 3.51
N LEU A 161 -0.36 4.08 3.05
CA LEU A 161 -1.39 3.05 3.14
C LEU A 161 -0.91 1.87 3.99
N HIS A 162 -1.67 1.59 5.06
CA HIS A 162 -1.32 0.48 5.97
C HIS A 162 -2.31 -0.67 5.78
N LEU A 163 -1.81 -1.78 5.24
CA LEU A 163 -2.64 -2.95 5.02
C LEU A 163 -2.69 -3.87 6.23
N SER A 164 -3.70 -4.72 6.29
CA SER A 164 -3.93 -5.61 7.44
C SER A 164 -2.91 -6.74 7.55
N ASN A 165 -2.16 -7.00 6.49
CA ASN A 165 -1.10 -8.01 6.53
C ASN A 165 0.23 -7.46 7.04
N GLY A 166 0.23 -6.19 7.43
CA GLY A 166 1.43 -5.54 7.97
C GLY A 166 2.18 -4.69 6.96
N SER A 167 1.89 -4.87 5.67
CA SER A 167 2.56 -4.08 4.64
C SER A 167 2.18 -2.60 4.75
N VAL A 168 3.13 -1.73 4.41
CA VAL A 168 2.89 -0.30 4.36
C VAL A 168 3.35 0.23 3.00
N GLN A 169 2.44 0.90 2.31
CA GLN A 169 2.72 1.46 1.01
C GLN A 169 2.78 2.98 1.09
N ILE A 170 3.76 3.55 0.39
CA ILE A 170 3.91 5.01 0.34
C ILE A 170 4.04 5.44 -1.13
N ASN A 171 3.03 6.18 -1.60
CA ASN A 171 3.00 6.72 -2.95
C ASN A 171 3.33 8.22 -2.94
N PHE A 172 4.40 8.61 -3.60
CA PHE A 172 4.78 10.02 -3.68
C PHE A 172 4.08 10.72 -4.84
N PHE A 173 3.39 11.83 -4.54
CA PHE A 173 2.53 12.50 -5.53
C PHE A 173 3.30 13.13 -6.69
N GLN A 174 4.36 13.84 -6.37
CA GLN A 174 5.04 14.74 -7.31
C GLN A 174 5.79 13.99 -8.41
N ASP A 175 6.56 12.97 -8.03
CA ASP A 175 7.36 12.20 -8.99
C ASP A 175 6.81 10.79 -9.29
N HIS A 176 5.68 10.43 -8.65
CA HIS A 176 5.02 9.13 -8.86
C HIS A 176 5.83 7.90 -8.40
N THR A 177 6.91 8.13 -7.66
CA THR A 177 7.71 7.02 -7.13
C THR A 177 6.99 6.40 -5.93
N LYS A 178 7.18 5.11 -5.72
CA LYS A 178 6.43 4.37 -4.69
C LYS A 178 7.28 3.33 -3.95
N LEU A 179 6.99 3.18 -2.66
CA LEU A 179 7.59 2.14 -1.84
C LEU A 179 6.51 1.20 -1.31
N ILE A 180 6.81 -0.10 -1.37
CA ILE A 180 5.99 -1.10 -0.70
C ILE A 180 6.88 -1.83 0.28
N LEU A 181 6.55 -1.69 1.56
CA LEU A 181 7.36 -2.22 2.65
C LEU A 181 6.72 -3.46 3.23
N CYS A 182 7.46 -4.57 3.20
CA CYS A 182 6.95 -5.86 3.65
C CYS A 182 7.69 -6.36 4.88
N PRO A 183 7.08 -6.20 6.07
CA PRO A 183 7.76 -6.53 7.32
C PRO A 183 8.06 -8.02 7.50
N LEU A 184 7.24 -8.88 6.89
CA LEU A 184 7.42 -10.34 7.02
C LEU A 184 8.64 -10.84 6.25
N MET A 185 8.98 -10.15 5.17
CA MET A 185 10.17 -10.48 4.39
C MET A 185 11.34 -9.59 4.78
N ALA A 186 11.05 -8.57 5.59
CA ALA A 186 12.00 -7.48 5.86
C ALA A 186 12.55 -6.95 4.54
N ALA A 187 11.63 -6.57 3.66
CA ALA A 187 11.95 -6.18 2.29
C ALA A 187 11.24 -4.90 1.89
N VAL A 188 11.72 -4.30 0.81
CA VAL A 188 11.09 -3.12 0.22
C VAL A 188 11.11 -3.18 -1.30
N THR A 189 9.95 -2.92 -1.90
CA THR A 189 9.85 -2.81 -3.33
C THR A 189 9.81 -1.32 -3.68
N TYR A 190 10.66 -0.92 -4.63
CA TYR A 190 10.73 0.46 -5.04
C TYR A 190 10.34 0.61 -6.51
N ILE A 191 9.37 1.48 -6.75
CA ILE A 191 8.94 1.80 -8.10
C ILE A 191 9.38 3.23 -8.43
N ASP A 192 10.27 3.36 -9.41
CA ASP A 192 10.85 4.67 -9.75
C ASP A 192 10.01 5.44 -10.76
N GLU A 193 10.51 6.61 -11.15
CA GLU A 193 9.84 7.51 -12.09
C GLU A 193 9.56 6.91 -13.48
N LYS A 194 10.36 5.92 -13.88
CA LYS A 194 10.17 5.22 -15.15
C LYS A 194 9.26 4.00 -15.00
N ARG A 195 8.78 3.77 -13.78
CA ARG A 195 7.92 2.60 -13.44
C ARG A 195 8.66 1.28 -13.48
N ASP A 196 9.98 1.34 -13.35
CA ASP A 196 10.78 0.14 -13.13
C ASP A 196 10.67 -0.24 -11.66
N PHE A 197 10.52 -1.53 -11.40
CA PHE A 197 10.37 -2.03 -10.05
C PHE A 197 11.56 -2.91 -9.67
N ARG A 198 12.00 -2.76 -8.43
CA ARG A 198 13.08 -3.57 -7.88
C ARG A 198 12.75 -3.86 -6.42
N THR A 199 12.89 -5.12 -6.04
CA THR A 199 12.61 -5.56 -4.67
C THR A 199 13.92 -5.87 -3.96
N TYR A 200 14.12 -5.26 -2.80
CA TYR A 200 15.35 -5.41 -2.03
C TYR A 200 15.09 -6.01 -0.66
N ARG A 201 16.03 -6.82 -0.20
CA ARG A 201 16.05 -7.20 1.20
C ARG A 201 16.73 -6.05 1.96
N LEU A 202 16.07 -5.58 3.01
CA LEU A 202 16.57 -4.42 3.77
C LEU A 202 17.98 -4.59 4.35
N SER A 203 18.28 -5.77 4.89
CA SER A 203 19.61 -6.06 5.44
C SER A 203 20.68 -6.13 4.34
N LEU A 204 20.27 -6.47 3.12
CA LEU A 204 21.19 -6.48 1.98
C LEU A 204 21.49 -5.06 1.48
N LEU A 205 20.54 -4.15 1.65
CA LEU A 205 20.77 -2.73 1.36
C LEU A 205 21.78 -2.18 2.36
N GLU A 206 21.71 -2.68 3.58
CA GLU A 206 22.68 -2.41 4.62
C GLU A 206 24.06 -2.97 4.24
N GLU A 207 24.05 -4.17 3.65
CA GLU A 207 25.28 -4.86 3.25
C GLU A 207 25.97 -4.22 2.05
N TYR A 208 25.18 -3.79 1.07
CA TYR A 208 25.73 -3.34 -0.21
C TYR A 208 25.48 -1.87 -0.54
N GLY A 209 24.59 -1.22 0.20
CA GLY A 209 24.27 0.19 -0.01
C GLY A 209 23.24 0.43 -1.10
N CYS A 210 22.90 1.70 -1.32
CA CYS A 210 21.98 2.11 -2.39
C CYS A 210 22.20 3.57 -2.79
N CYS A 211 21.54 3.98 -3.87
CA CYS A 211 21.58 5.36 -4.36
C CYS A 211 20.90 6.32 -3.39
N LYS A 212 21.18 7.62 -3.56
CA LYS A 212 20.60 8.68 -2.74
C LYS A 212 19.06 8.73 -2.81
N GLU A 213 18.51 8.48 -4.00
CA GLU A 213 17.06 8.52 -4.22
C GLU A 213 16.31 7.55 -3.31
N LEU A 214 16.72 6.29 -3.34
CA LEU A 214 16.14 5.25 -2.47
C LEU A 214 16.43 5.53 -0.99
N ALA A 215 17.67 5.92 -0.68
CA ALA A 215 18.06 6.27 0.69
C ALA A 215 17.16 7.35 1.29
N SER A 216 16.82 8.37 0.49
CA SER A 216 16.01 9.49 0.97
C SER A 216 14.57 9.08 1.25
N ARG A 217 14.01 8.24 0.38
CA ARG A 217 12.64 7.76 0.55
C ARG A 217 12.52 6.79 1.72
N LEU A 218 13.57 6.02 1.98
CA LEU A 218 13.62 5.13 3.15
C LEU A 218 13.67 5.90 4.49
N ARG A 219 14.38 7.04 4.50
CA ARG A 219 14.38 7.92 5.67
C ARG A 219 12.98 8.51 5.91
N TYR A 220 12.29 8.88 4.83
CA TYR A 220 10.90 9.34 4.91
C TYR A 220 9.97 8.22 5.37
N ALA A 221 10.19 7.01 4.85
CA ALA A 221 9.41 5.82 5.24
C ALA A 221 9.45 5.54 6.74
N ARG A 222 10.62 5.67 7.34
CA ARG A 222 10.78 5.48 8.78
C ARG A 222 9.96 6.52 9.56
N THR A 223 10.03 7.78 9.14
CA THR A 223 9.21 8.86 9.71
C THR A 223 7.71 8.56 9.58
N MET A 224 7.30 7.99 8.45
CA MET A 224 5.89 7.67 8.21
C MET A 224 5.39 6.51 9.08
N VAL A 225 6.25 5.50 9.26
CA VAL A 225 5.94 4.36 10.14
C VAL A 225 5.82 4.83 11.58
N ASP A 226 6.68 5.79 11.96
CA ASP A 226 6.63 6.39 13.28
C ASP A 226 5.32 7.15 13.49
N LYS A 227 4.82 7.81 12.44
CA LYS A 227 3.51 8.47 12.48
C LYS A 227 2.37 7.46 12.64
N LEU A 228 2.47 6.34 11.93
CA LEU A 228 1.49 5.25 12.07
C LEU A 228 1.46 4.70 13.49
N LEU A 229 2.64 4.40 14.03
CA LEU A 229 2.78 3.87 15.40
C LEU A 229 2.26 4.82 16.47
N SER A 230 2.39 6.13 16.23
CA SER A 230 1.98 7.14 17.20
C SER A 230 0.51 7.56 17.07
N SER A 231 -0.19 7.03 16.06
CA SER A 231 -1.58 7.40 15.82
C SER A 231 -2.57 6.24 15.73
N ARG A 232 -2.16 5.06 16.19
CA ARG A 232 -3.05 3.89 16.10
C ARG A 232 -4.10 3.85 17.23
N PRO B 2 -12.36 14.04 -4.93
CA PRO B 2 -11.57 15.27 -4.79
C PRO B 2 -10.07 15.05 -5.00
N LEU B 3 -9.58 13.86 -4.66
CA LEU B 3 -8.28 13.40 -5.15
C LEU B 3 -8.19 11.88 -5.28
N HIS B 4 -7.29 11.43 -6.14
CA HIS B 4 -7.23 10.05 -6.59
C HIS B 4 -5.80 9.73 -7.03
N SER B 5 -5.53 8.46 -7.27
CA SER B 5 -4.23 8.04 -7.78
C SER B 5 -4.06 8.50 -9.24
N ALA B 7 -3.99 9.16 -13.02
CA ALA B 7 -4.98 8.90 -14.09
C ALA B 7 -4.38 8.08 -15.21
#